data_8BY1
#
_entry.id   8BY1
#
_cell.length_a   57.657
_cell.length_b   57.657
_cell.length_c   183.626
_cell.angle_alpha   90.000
_cell.angle_beta   90.000
_cell.angle_gamma   90.000
#
_symmetry.space_group_name_H-M   'I 41 2 2'
#
loop_
_entity.id
_entity.type
_entity.pdbx_description
1 polymer Streptavidin
2 non-polymer "tert-butyl 7'-[5-[(3aS,4S,6aR)-2-oxidanylidene-1,3,3a,4,6,6a-hexahydrothieno[3,4-d]imidazol-4-yl]pentanoylamino]-1-chloranyl-2,3,4,5,6-pentamethyl-spiro[1$l^{8}-iridapentacyclo[2.2.0.0^{1,3}.0^{1,5}.0^{2,6}]hexane-1,2'-3-aza-1-azonia-2$l^{8}-iridatricyclo[6.3.1.0^{4,12}]dodeca-1(11),4,6,8(12),9-pentaene]-3'-carboxylate"
3 non-polymer 'SULFATE ION'
4 water water
#
_entity_poly.entity_id   1
_entity_poly.type   'polypeptide(L)'
_entity_poly.pdbx_seq_one_letter_code
;RDQAGITGTWYNQLGSTFIVTAGADGALTGTYESAVGNAESRYVLTGRYDSAPATDGSGTALGWTVAWKNNYRNAHSATT
WSGQYVGGAEARINTQWLLTSGTTEANAWKSTLVGHDTFTKVK
;
_entity_poly.pdbx_strand_id   A
#
loop_
_chem_comp.id
_chem_comp.type
_chem_comp.name
_chem_comp.formula
NOF non-polymer 'tert-butyl 7'-[5-[(3aS,4S,6aR)-2-oxidanylidene-1,3,3a,4,6,6a-hexahydrothieno[3,4-d]imidazol-4-yl]pentanoylamino]-1-chloranyl-2,3,4,5,6-pentamethyl-spiro[1$l^{8}-iridapentacyclo[2.2.0.0^{1,3}.0^{1,5}.0^{2,6}]hexane-1,2'-3-aza-1-azonia-2$l^{8}-iridatricyclo[6.3.1.0^{4,12}]dodeca-1(11),4,6,8(12),9-pentaene]-3'-carboxylate' 'C34 H45 Cl Ir N5 O4 S 1'
SO4 non-polymer 'SULFATE ION' 'O4 S -2'
#
# COMPACT_ATOMS: atom_id res chain seq x y z
N ARG A 1 -13.85 8.65 9.79
CA ARG A 1 -13.49 8.23 11.18
C ARG A 1 -11.97 8.29 11.36
N ASP A 2 -11.23 7.38 10.70
CA ASP A 2 -9.82 7.59 10.44
C ASP A 2 -9.64 8.12 9.03
N GLN A 3 -10.71 8.60 8.39
CA GLN A 3 -10.59 9.24 7.09
C GLN A 3 -9.48 10.33 7.11
N ALA A 4 -9.53 11.25 8.07
CA ALA A 4 -8.52 12.28 8.18
C ALA A 4 -7.12 11.73 8.52
N GLY A 5 -7.07 10.75 9.44
CA GLY A 5 -5.83 10.14 9.90
C GLY A 5 -5.08 9.41 8.77
N ILE A 6 -5.83 8.77 7.87
CA ILE A 6 -5.20 7.99 6.81
C ILE A 6 -4.84 8.86 5.61
N THR A 7 -5.70 9.82 5.25
CA THR A 7 -5.47 10.65 4.07
C THR A 7 -4.16 11.41 4.20
N GLY A 8 -3.34 11.38 3.15
CA GLY A 8 -2.09 12.10 3.15
C GLY A 8 -0.94 11.34 2.52
N THR A 9 0.26 11.81 2.86
CA THR A 9 1.50 11.33 2.32
C THR A 9 2.21 10.50 3.39
N TRP A 10 2.56 9.24 3.00
CA TRP A 10 3.24 8.32 3.88
C TRP A 10 4.54 7.87 3.24
N TYR A 11 5.52 7.47 4.09
CA TYR A 11 6.81 7.05 3.64
C TYR A 11 7.17 5.73 4.35
N ASN A 12 7.74 4.76 3.63
CA ASN A 12 8.16 3.54 4.27
C ASN A 12 9.66 3.53 4.53
N GLN A 13 10.17 2.39 5.01
CA GLN A 13 11.55 2.25 5.43
C GLN A 13 12.51 2.18 4.24
N LEU A 14 11.99 1.92 3.05
CA LEU A 14 12.78 1.89 1.81
C LEU A 14 12.90 3.27 1.16
N GLY A 15 12.15 4.23 1.68
CA GLY A 15 12.03 5.57 1.11
C GLY A 15 11.01 5.68 -0.02
N SER A 16 10.09 4.69 -0.13
CA SER A 16 8.97 4.80 -1.01
C SER A 16 7.92 5.78 -0.48
N THR A 17 7.10 6.34 -1.39
CA THR A 17 6.11 7.36 -1.10
C THR A 17 4.72 6.88 -1.49
N PHE A 18 3.82 6.86 -0.50
CA PHE A 18 2.45 6.40 -0.64
C PHE A 18 1.55 7.62 -0.41
N ILE A 19 0.84 8.05 -1.45
CA ILE A 19 -0.04 9.20 -1.40
C ILE A 19 -1.47 8.70 -1.52
N VAL A 20 -2.28 8.91 -0.51
CA VAL A 20 -3.60 8.28 -0.46
C VAL A 20 -4.68 9.24 -0.02
N THR A 21 -5.88 9.04 -0.58
CA THR A 21 -7.07 9.65 -0.05
C THR A 21 -8.01 8.56 0.44
N ALA A 22 -8.52 8.71 1.68
CA ALA A 22 -9.52 7.82 2.26
C ALA A 22 -10.88 8.46 2.09
N GLY A 23 -11.78 7.77 1.40
CA GLY A 23 -13.15 8.23 1.19
C GLY A 23 -14.08 7.84 2.33
N ALA A 24 -15.23 8.54 2.49
CA ALA A 24 -16.12 8.31 3.61
C ALA A 24 -16.74 6.91 3.54
N ASP A 25 -16.73 6.36 2.33
CA ASP A 25 -17.33 5.08 1.96
C ASP A 25 -16.38 3.89 2.13
N GLY A 26 -15.14 4.11 2.59
CA GLY A 26 -14.16 3.02 2.72
C GLY A 26 -13.18 2.92 1.57
N ALA A 27 -13.27 3.79 0.58
CA ALA A 27 -12.34 3.77 -0.55
C ALA A 27 -10.96 4.32 -0.23
N LEU A 28 -9.93 3.70 -0.81
CA LEU A 28 -8.58 4.28 -0.89
C LEU A 28 -8.19 4.47 -2.34
N THR A 29 -7.74 5.69 -2.67
N THR A 29 -7.74 5.69 -2.63
CA THR A 29 -7.29 6.03 -4.02
CA THR A 29 -7.29 6.05 -3.96
C THR A 29 -6.07 6.94 -3.90
C THR A 29 -5.94 6.75 -3.76
N GLY A 30 -5.09 6.73 -4.80
CA GLY A 30 -3.88 7.51 -4.75
C GLY A 30 -2.81 7.01 -5.68
N THR A 31 -1.56 7.28 -5.28
CA THR A 31 -0.39 6.95 -6.10
C THR A 31 0.70 6.40 -5.18
N TYR A 32 1.53 5.53 -5.77
CA TYR A 32 2.65 4.91 -5.10
C TYR A 32 3.88 5.16 -5.97
N GLU A 33 4.98 5.47 -5.30
CA GLU A 33 6.29 5.60 -5.94
C GLU A 33 7.27 4.75 -5.13
N SER A 34 7.82 3.70 -5.76
CA SER A 34 8.75 2.81 -5.10
C SER A 34 10.18 3.31 -5.25
N ALA A 35 10.92 3.33 -4.15
CA ALA A 35 12.34 3.65 -4.19
C ALA A 35 13.19 2.49 -4.69
N VAL A 36 12.61 1.29 -4.87
CA VAL A 36 13.35 0.11 -5.31
C VAL A 36 12.59 -0.68 -6.35
N GLY A 37 13.34 -1.54 -7.04
CA GLY A 37 12.73 -2.45 -8.00
C GLY A 37 12.55 -1.83 -9.38
N ASN A 38 11.79 -2.54 -10.19
CA ASN A 38 11.57 -2.20 -11.58
C ASN A 38 10.40 -1.22 -11.64
N ALA A 39 10.70 0.02 -11.26
CA ALA A 39 9.68 1.03 -11.02
C ALA A 39 10.30 2.39 -11.23
N GLU A 40 9.54 3.28 -11.87
CA GLU A 40 9.89 4.68 -11.86
C GLU A 40 8.62 5.53 -11.84
N SER A 41 8.70 6.62 -11.10
CA SER A 41 7.63 7.58 -10.97
C SER A 41 6.43 6.96 -10.26
N ARG A 42 5.27 7.55 -10.48
CA ARG A 42 4.06 7.19 -9.75
C ARG A 42 3.26 6.13 -10.49
N TYR A 43 2.58 5.27 -9.69
CA TYR A 43 1.66 4.24 -10.15
C TYR A 43 0.33 4.43 -9.43
N VAL A 44 -0.74 4.13 -10.13
CA VAL A 44 -2.08 4.17 -9.57
C VAL A 44 -2.19 3.12 -8.47
N LEU A 45 -2.82 3.50 -7.37
CA LEU A 45 -3.29 2.49 -6.42
C LEU A 45 -4.75 2.70 -6.07
N THR A 46 -5.37 1.58 -5.66
CA THR A 46 -6.70 1.59 -5.12
C THR A 46 -6.78 0.56 -4.02
N GLY A 47 -7.64 0.82 -3.05
CA GLY A 47 -7.83 -0.11 -1.97
C GLY A 47 -9.07 0.18 -1.16
N ARG A 48 -9.10 -0.41 0.04
CA ARG A 48 -10.26 -0.30 0.95
C ARG A 48 -9.75 -0.23 2.38
N TYR A 49 -10.54 0.42 3.23
CA TYR A 49 -10.26 0.44 4.66
C TYR A 49 -11.58 0.32 5.41
N ASP A 50 -11.46 -0.12 6.67
CA ASP A 50 -12.58 -0.18 7.60
C ASP A 50 -12.93 1.24 8.04
N SER A 51 -14.09 1.74 7.57
CA SER A 51 -14.48 3.13 7.87
C SER A 51 -15.18 3.25 9.23
N ALA A 52 -15.42 2.15 9.92
CA ALA A 52 -16.02 2.20 11.25
C ALA A 52 -15.32 1.21 12.17
N PRO A 53 -14.04 1.47 12.52
CA PRO A 53 -13.25 0.51 13.29
C PRO A 53 -13.73 0.36 14.73
N ALA A 54 -13.15 -0.60 15.43
CA ALA A 54 -13.48 -0.82 16.83
C ALA A 54 -12.97 0.38 17.64
N THR A 55 -13.59 0.61 18.80
CA THR A 55 -13.24 1.76 19.63
C THR A 55 -12.54 1.30 20.91
N ASP A 56 -11.92 0.12 20.86
CA ASP A 56 -11.28 -0.54 21.99
C ASP A 56 -9.76 -0.40 21.92
N GLY A 57 -9.25 0.54 21.12
CA GLY A 57 -7.82 0.74 20.94
C GLY A 57 -7.21 -0.08 19.79
N SER A 58 -8.04 -0.88 19.09
CA SER A 58 -7.57 -1.62 17.94
C SER A 58 -7.23 -0.69 16.78
N GLY A 59 -6.28 -1.14 15.94
CA GLY A 59 -5.96 -0.53 14.67
C GLY A 59 -7.11 -0.64 13.66
N THR A 60 -6.94 0.04 12.56
CA THR A 60 -7.91 0.11 11.47
C THR A 60 -7.40 -0.69 10.28
N ALA A 61 -8.11 -1.79 9.94
CA ALA A 61 -7.69 -2.67 8.86
C ALA A 61 -7.83 -1.98 7.50
N LEU A 62 -6.85 -2.23 6.62
CA LEU A 62 -6.88 -1.67 5.29
C LEU A 62 -5.99 -2.48 4.35
N GLY A 63 -6.15 -2.23 3.05
CA GLY A 63 -5.30 -2.83 2.04
C GLY A 63 -5.39 -2.05 0.76
N TRP A 64 -4.37 -2.24 -0.07
CA TRP A 64 -4.36 -1.63 -1.38
C TRP A 64 -3.49 -2.41 -2.35
N THR A 65 -3.74 -2.14 -3.64
CA THR A 65 -3.02 -2.74 -4.73
C THR A 65 -2.37 -1.70 -5.63
N VAL A 66 -1.16 -2.05 -6.12
CA VAL A 66 -0.49 -1.39 -7.23
C VAL A 66 -0.20 -2.44 -8.29
N ALA A 67 -0.61 -2.21 -9.56
CA ALA A 67 -0.09 -2.91 -10.73
C ALA A 67 1.05 -2.07 -11.30
N TRP A 68 2.20 -2.71 -11.50
CA TRP A 68 3.43 -1.98 -11.80
C TRP A 68 3.57 -1.65 -13.29
N LYS A 69 2.52 -1.04 -13.83
CA LYS A 69 2.45 -0.49 -15.17
C LYS A 69 2.07 0.97 -15.05
N ASN A 70 2.88 1.84 -15.71
CA ASN A 70 2.55 3.25 -15.86
C ASN A 70 3.04 3.64 -17.26
N ASN A 71 3.12 4.94 -17.52
CA ASN A 71 3.51 5.39 -18.85
C ASN A 71 4.97 5.18 -19.12
N TYR A 72 5.75 4.87 -18.09
CA TYR A 72 7.19 4.72 -18.23
C TYR A 72 7.67 3.28 -18.30
N ARG A 73 7.02 2.37 -17.54
CA ARG A 73 7.55 1.05 -17.35
C ARG A 73 6.40 0.08 -17.14
N ASN A 74 6.65 -1.19 -17.45
CA ASN A 74 5.69 -2.24 -17.12
C ASN A 74 6.51 -3.44 -16.61
N ALA A 75 6.40 -3.69 -15.28
CA ALA A 75 7.14 -4.76 -14.64
C ALA A 75 6.32 -6.05 -14.59
N HIS A 76 5.16 -6.09 -15.22
CA HIS A 76 4.31 -7.30 -15.30
C HIS A 76 4.18 -7.97 -13.93
N SER A 77 3.70 -7.16 -12.98
CA SER A 77 3.62 -7.58 -11.60
C SER A 77 2.64 -6.67 -10.87
N ALA A 78 2.15 -7.14 -9.72
CA ALA A 78 1.28 -6.36 -8.88
C ALA A 78 1.62 -6.65 -7.41
N THR A 79 1.55 -5.64 -6.57
CA THR A 79 1.74 -5.81 -5.14
C THR A 79 0.46 -5.44 -4.43
N THR A 80 0.11 -6.23 -3.42
CA THR A 80 -0.94 -5.87 -2.48
C THR A 80 -0.34 -5.75 -1.09
N TRP A 81 -0.74 -4.66 -0.40
CA TRP A 81 -0.38 -4.44 1.00
C TRP A 81 -1.63 -4.65 1.82
N SER A 82 -1.48 -5.43 2.89
CA SER A 82 -2.54 -5.73 3.85
C SER A 82 -2.02 -5.34 5.23
N GLY A 83 -2.80 -4.55 5.97
CA GLY A 83 -2.27 -4.07 7.23
C GLY A 83 -3.28 -3.29 8.06
N GLN A 84 -2.72 -2.52 9.00
CA GLN A 84 -3.57 -1.71 9.84
C GLN A 84 -2.90 -0.39 10.11
N TYR A 85 -3.77 0.62 10.17
CA TYR A 85 -3.43 1.98 10.55
C TYR A 85 -3.58 2.11 12.07
N VAL A 86 -2.52 2.64 12.69
CA VAL A 86 -2.47 2.93 14.11
C VAL A 86 -2.28 4.43 14.27
N GLY A 87 -3.26 5.09 14.89
CA GLY A 87 -3.24 6.54 14.97
C GLY A 87 -2.36 7.03 16.14
N GLY A 88 -2.30 8.35 16.35
CA GLY A 88 -1.54 8.86 17.49
C GLY A 88 -0.32 9.65 17.04
N ALA A 89 0.49 10.07 18.01
CA ALA A 89 1.55 11.04 17.77
C ALA A 89 2.48 10.55 16.68
N GLU A 90 2.87 9.27 16.84
CA GLU A 90 3.65 8.55 15.86
C GLU A 90 2.72 7.59 15.11
N ALA A 91 1.81 8.15 14.30
CA ALA A 91 0.92 7.32 13.49
C ALA A 91 1.72 6.44 12.56
N ARG A 92 1.17 5.23 12.32
CA ARG A 92 1.86 4.27 11.47
C ARG A 92 0.82 3.46 10.71
N ILE A 93 1.24 3.02 9.52
CA ILE A 93 0.53 1.94 8.83
C ILE A 93 1.51 0.77 8.76
N ASN A 94 1.16 -0.34 9.43
CA ASN A 94 1.99 -1.52 9.47
C ASN A 94 1.40 -2.54 8.51
N THR A 95 2.19 -2.96 7.54
CA THR A 95 1.72 -3.84 6.47
C THR A 95 2.60 -5.05 6.28
N GLN A 96 1.97 -6.08 5.71
CA GLN A 96 2.66 -7.15 4.99
C GLN A 96 2.18 -7.09 3.55
N TRP A 97 3.03 -7.54 2.63
CA TRP A 97 2.71 -7.41 1.20
C TRP A 97 3.04 -8.68 0.44
N LEU A 98 2.36 -8.84 -0.69
CA LEU A 98 2.55 -9.92 -1.66
C LEU A 98 2.74 -9.30 -3.04
N LEU A 99 3.89 -9.58 -3.66
N LEU A 99 3.88 -9.60 -3.66
CA LEU A 99 4.24 -9.11 -5.00
CA LEU A 99 4.23 -9.11 -5.00
C LEU A 99 4.23 -10.30 -5.95
C LEU A 99 4.23 -10.29 -5.96
N THR A 100 3.21 -10.35 -6.81
CA THR A 100 3.09 -11.43 -7.77
C THR A 100 3.53 -10.91 -9.14
N SER A 101 4.40 -11.68 -9.80
CA SER A 101 4.80 -11.40 -11.18
C SER A 101 4.02 -12.34 -12.08
N GLY A 102 3.64 -11.88 -13.27
CA GLY A 102 3.15 -12.82 -14.28
C GLY A 102 4.26 -13.79 -14.71
N THR A 103 3.94 -15.09 -14.72
CA THR A 103 4.93 -16.09 -15.05
C THR A 103 4.30 -17.13 -15.98
N THR A 104 5.13 -17.95 -16.60
CA THR A 104 4.63 -19.19 -17.19
C THR A 104 4.18 -20.15 -16.09
N GLU A 105 3.41 -21.18 -16.48
CA GLU A 105 2.91 -22.14 -15.52
C GLU A 105 4.10 -22.85 -14.88
N ALA A 106 5.14 -23.17 -15.65
CA ALA A 106 6.28 -23.90 -15.10
C ALA A 106 7.00 -23.09 -14.02
N ASN A 107 6.94 -21.75 -14.10
CA ASN A 107 7.61 -20.86 -13.15
C ASN A 107 6.71 -20.29 -12.05
N ALA A 108 5.46 -20.70 -11.97
CA ALA A 108 4.51 -20.07 -11.06
C ALA A 108 4.89 -20.31 -9.61
N TRP A 109 5.67 -21.36 -9.32
CA TRP A 109 6.11 -21.59 -7.94
C TRP A 109 6.98 -20.44 -7.41
N LYS A 110 7.64 -19.71 -8.31
CA LYS A 110 8.54 -18.61 -7.93
C LYS A 110 7.93 -17.27 -8.35
N SER A 111 6.61 -17.16 -8.36
CA SER A 111 5.94 -15.96 -8.84
C SER A 111 5.82 -14.86 -7.77
N THR A 112 5.82 -15.22 -6.47
CA THR A 112 5.33 -14.32 -5.46
C THR A 112 6.35 -14.06 -4.35
N LEU A 113 6.73 -12.77 -4.19
CA LEU A 113 7.54 -12.30 -3.08
C LEU A 113 6.61 -11.88 -1.93
N VAL A 114 7.11 -12.00 -0.71
CA VAL A 114 6.42 -11.54 0.47
C VAL A 114 7.40 -10.68 1.26
N GLY A 115 6.86 -9.63 1.87
CA GLY A 115 7.63 -8.79 2.77
C GLY A 115 6.73 -7.95 3.66
N HIS A 116 7.36 -6.98 4.35
CA HIS A 116 6.65 -6.14 5.30
C HIS A 116 7.20 -4.72 5.16
N ASP A 117 6.29 -3.75 5.11
CA ASP A 117 6.59 -2.32 5.06
C ASP A 117 5.88 -1.61 6.21
N THR A 118 6.60 -0.68 6.85
CA THR A 118 6.01 0.17 7.85
C THR A 118 6.06 1.60 7.33
N PHE A 119 4.91 2.24 7.31
CA PHE A 119 4.76 3.62 6.80
C PHE A 119 4.55 4.58 7.94
N THR A 120 5.23 5.73 7.81
CA THR A 120 5.09 6.82 8.77
C THR A 120 4.83 8.09 8.00
N LYS A 121 4.37 9.10 8.75
CA LYS A 121 4.01 10.40 8.17
C LYS A 121 5.26 11.27 7.98
N VAL A 122 6.38 10.89 8.57
CA VAL A 122 7.65 11.59 8.36
C VAL A 122 8.65 10.58 7.77
N LYS A 123 9.55 11.05 6.88
CA LYS A 123 10.54 10.20 6.22
C LYS A 123 11.70 10.12 7.29
N1 NOF B . 11.35 -10.00 -9.16
N1 NOF B . 11.23 -10.11 -9.15
N3 NOF B . 8.85 -1.31 -2.83
N3 NOF B . 8.65 -1.44 -3.00
C4 NOF B . 9.23 -13.06 -8.13
C4 NOF B . 17.13 -12.01 -11.20
C5 NOF B . 10.55 -13.65 -10.08
C5 NOF B . 15.33 -11.18 -12.78
C6 NOF B . 9.36 -13.88 -10.99
C6 NOF B . 15.02 -12.51 -13.39
C7 NOF B . 11.85 -14.05 -10.31
C7 NOF B . 14.76 -9.95 -13.11
C8 NOF B . 12.33 -14.87 -11.48
C8 NOF B . 13.77 -9.71 -14.21
C10 NOF B . 13.97 -13.10 -9.73
C10 NOF B . 15.35 -7.50 -12.69
C13 NOF B . 8.99 -9.09 -11.94
C13 NOF B . 8.98 -9.29 -12.14
C15 NOF B . 8.54 -7.82 -11.41
C15 NOF B . 8.38 -8.02 -11.71
C17 NOF B . 10.45 -7.45 -8.10
C17 NOF B . 10.13 -7.56 -8.25
C20 NOF B . 8.90 -4.78 -9.40
C20 NOF B . 8.95 -4.98 -9.93
C21 NOF B . 8.07 -3.55 -9.14
C21 NOF B . 8.31 -3.64 -9.60
C22 NOF B . 8.52 -2.74 -7.98
C22 NOF B . 8.78 -3.05 -8.23
C24 NOF B . 8.64 -2.76 -5.45
C24 NOF B . 8.14 -2.72 -5.72
C26 NOF B . 8.99 -2.73 -2.93
C26 NOF B . 8.60 -2.84 -3.13
C28 NOF B . 8.22 -3.22 -1.59
C28 NOF B . 7.75 -3.38 -1.83
C1 NOF B . 11.86 -13.12 -8.31
C1 NOF B . 16.23 -9.58 -11.47
C2 NOF B . 12.27 -12.70 -6.94
C2 NOF B . 17.11 -8.87 -10.48
C3 NOF B . 10.55 -13.17 -8.82
C3 NOF B . 16.23 -10.95 -11.79
C9 NOF B . 12.67 -13.67 -9.26
C9 NOF B . 15.34 -8.97 -12.32
C11 NOF B . 10.00 -9.84 -11.19
C11 NOF B . 9.95 -10.01 -11.28
C12 NOF B . 10.45 -9.23 -9.92
C12 NOF B . 10.33 -9.39 -10.00
IR1 NOF B . 11.82 -11.83 -10.11
IR1 NOF B . 14.23 -10.40 -11.04
C14 NOF B . 9.94 -7.97 -9.36
C14 NOF B . 9.73 -8.11 -9.56
C16 NOF B . 8.98 -7.21 -10.16
C16 NOF B . 8.76 -7.42 -10.43
C18 NOF B . 11.93 -9.48 -7.98
C18 NOF B . 11.67 -9.55 -7.90
C19 NOF B . 11.46 -8.24 -7.41
C19 NOF B . 11.11 -8.28 -7.43
N2 NOF B . 8.28 -5.96 -9.82
N2 NOF B . 8.09 -6.14 -10.11
O1 NOF B . 10.22 -4.77 -9.24
O1 NOF B . 10.37 -5.07 -10.05
C23 NOF B . 8.23 -3.51 -6.69
C23 NOF B . 7.93 -3.55 -7.02
C25 NOF B . 8.31 -3.43 -4.14
C25 NOF B . 8.04 -3.50 -4.43
S1 NOF B . 6.56 -3.48 -3.67
S1 NOF B . 6.28 -3.60 -3.97
C27 NOF B . 6.97 -4.05 -2.12
C27 NOF B . 6.44 -4.07 -2.43
N4 NOF B . 7.78 -2.01 -0.96
N4 NOF B . 7.43 -2.16 -1.14
C29 NOF B . 8.20 -0.91 -1.70
C29 NOF B . 7.96 -1.02 -1.83
O2 NOF B . 7.94 0.23 -1.42
O2 NOF B . 7.81 0.16 -1.41
N5 NOF B . 10.55 -11.11 -11.60
N5 NOF B . 10.55 -11.27 -11.64
C30 NOF B . 10.81 -11.53 -13.01
C30 NOF B . 9.92 -12.32 -12.46
O3 NOF B . 11.92 -12.00 -13.32
O3 NOF B . 10.33 -13.48 -12.40
O4 NOF B . 10.02 -10.76 -13.97
O4 NOF B . 8.63 -12.02 -12.98
C31 NOF B . 9.24 -11.43 -15.00
C31 NOF B . 8.64 -11.87 -14.41
C32 NOF B . 8.12 -10.47 -15.48
C32 NOF B . 8.51 -13.25 -15.08
C33 NOF B . 10.19 -11.70 -16.21
C33 NOF B . 7.45 -10.98 -14.81
C34 NOF B . 8.60 -12.75 -14.49
C34 NOF B . 9.95 -11.20 -14.88
H2 NOF B . 9.23 -12.26 -7.60
H2 NOF B . 16.68 -12.44 -10.45
H3 NOF B . 9.10 -13.83 -7.56
H3 NOF B . 17.95 -11.61 -10.89
H4 NOF B . 8.53 -13.04 -8.81
H4 NOF B . 17.33 -12.68 -11.87
H5 NOF B . 8.76 -13.13 -10.93
H5 NOF B . 14.41 -12.99 -12.81
H6 NOF B . 8.90 -14.69 -10.71
H6 NOF B . 15.85 -13.02 -13.48
H7 NOF B . 9.67 -13.98 -11.90
H7 NOF B . 14.63 -12.39 -14.27
H8 NOF B . 12.17 -15.82 -11.30
H8 NOF B . 13.73 -10.51 -14.79
H9 NOF B . 13.29 -14.73 -11.60
H9 NOF B . 14.07 -8.93 -14.74
H10 NOF B . 11.87 -14.61 -12.29
H10 NOF B . 12.89 -9.53 -13.82
H11 NOF B . 13.92 -12.91 -10.68
H11 NOF B . 14.56 -7.29 -13.20
H12 NOF B . 14.68 -13.74 -9.57
H12 NOF B . 16.15 -7.31 -13.20
H13 NOF B . 14.16 -12.28 -9.24
H13 NOF B . 15.37 -6.98 -11.88
H14 NOF B . 8.44 -9.53 -12.54
H14 NOF B . 8.73 -9.64 -12.96
H15 NOF B . 7.91 -7.35 -11.90
H15 NOF B . 7.78 -7.59 -12.26
H16 NOF B . 9.93 -6.84 -7.61
H16 NOF B . 9.77 -6.75 -7.96
H17 NOF B . 7.16 -3.82 -9.00
H17 NOF B . 7.36 -3.75 -9.55
H18 NOF B . 8.10 -2.99 -9.93
H18 NOF B . 8.55 -3.00 -10.29
H19 NOF B . 8.01 -1.90 -7.96
H19 NOF B . 8.71 -2.08 -8.28
H20 NOF B . 9.46 -2.54 -8.05
H20 NOF B . 9.69 -3.32 -8.08
H21 NOF B . 8.20 -1.89 -5.47
H21 NOF B . 7.48 -2.01 -5.69
H22 NOF B . 9.60 -2.61 -5.49
H22 NOF B . 9.04 -2.33 -5.75
H25 NOF B . 13.18 -12.36 -6.95
H25 NOF B . 17.99 -9.26 -10.50
H26 NOF B . 12.23 -13.45 -6.33
H26 NOF B . 16.73 -8.95 -9.59
H27 NOF B . 11.68 -12.00 -6.62
H27 NOF B . 17.16 -7.93 -10.73
H28 NOF B . 12.68 -9.91 -7.61
H28 NOF B . 12.32 -9.98 -7.40
H29 NOF B . 11.77 -7.96 -6.57
H29 NOF B . 11.36 -7.93 -6.60
H30 NOF B . 7.44 -5.75 -10.51
H30 NOF B . 7.21 -6.12 -10.04
H31 NOF B . 8.73 -4.35 -6.71
H31 NOF B . 8.17 -4.46 -6.83
H32 NOF B . 7.29 -3.71 -6.64
H32 NOF B . 6.99 -3.48 -7.26
H34 NOF B . 6.39 -4.52 -1.57
H34 NOF B . 5.87 -4.65 -1.98
H37 NOF B . 8.49 -9.59 -15.62
H37 NOF B . 8.45 -13.93 -14.39
H38 NOF B . 7.43 -10.42 -14.79
H38 NOF B . 9.29 -13.42 -15.63
H39 NOF B . 7.73 -10.80 -16.30
H39 NOF B . 7.71 -13.27 -15.62
H40 NOF B . 10.57 -10.85 -16.51
H40 NOF B . 6.96 -10.71 -14.03
H41 NOF B . 9.68 -12.09 -16.93
H41 NOF B . 6.87 -11.46 -15.41
H42 NOF B . 10.89 -12.30 -15.94
H42 NOF B . 7.78 -10.18 -15.27
H43 NOF B . 9.28 -13.44 -14.39
H43 NOF B . 10.51 -11.02 -14.10
H44 NOF B . 7.94 -13.06 -15.15
H44 NOF B . 9.74 -10.37 -15.33
H45 NOF B . 8.15 -12.59 -13.64
H45 NOF B . 10.41 -11.80 -15.48
S SO4 C . 16.57 1.56 -12.55
O1 SO4 C . 17.00 0.89 -13.75
O2 SO4 C . 16.59 2.99 -12.75
O3 SO4 C . 15.22 1.14 -12.22
O4 SO4 C . 17.46 1.21 -11.47
S SO4 D . 14.32 -23.57 -12.72
O1 SO4 D . 15.69 -23.96 -12.51
O2 SO4 D . 14.16 -23.22 -14.11
O3 SO4 D . 14.03 -22.40 -11.90
O4 SO4 D . 13.43 -24.67 -12.40
#